data_5J9C
#
_entry.id   5J9C
#
_cell.length_a   51.860
_cell.length_b   68.100
_cell.length_c   90.960
_cell.angle_alpha   90.00
_cell.angle_beta   90.00
_cell.angle_gamma   90.00
#
_symmetry.space_group_name_H-M   'P 21 21 21'
#
loop_
_entity.id
_entity.type
_entity.pdbx_description
1 polymer 'peroxiredoxin Asp f3'
2 non-polymer 'MAGNESIUM ION'
3 water water
#
_entity_poly.entity_id   1
_entity_poly.type   'polypeptide(L)'
_entity_poly.pdbx_seq_one_letter_code
;MGSGLKAGDSFPSDVVFSYIPWSEDKGEITASGIPINYNASKEWADKKVILFALPGAFTPVSSARHVPEYIEKLPEIRAK
GVDVVAVLAYNDAYVMSAWGKANQVTGDDILFLSDPDARFSKSIGWADEEGRTKRYALVIDHGKITYAALEPAKNHLEFS
SAETVLKHLHHHHHH
;
_entity_poly.pdbx_strand_id   A,B
#
# COMPACT_ATOMS: atom_id res chain seq x y z
N GLY A 4 -3.47 20.60 -16.78
CA GLY A 4 -2.13 20.05 -16.59
C GLY A 4 -1.12 21.13 -16.26
N LEU A 5 0.17 20.81 -16.39
CA LEU A 5 1.22 21.79 -16.23
C LEU A 5 2.10 21.80 -17.47
N LYS A 6 2.83 22.89 -17.67
CA LYS A 6 3.76 23.00 -18.79
C LYS A 6 4.94 23.84 -18.35
N ALA A 7 6.04 23.76 -19.11
CA ALA A 7 7.23 24.54 -18.80
C ALA A 7 6.85 26.01 -18.75
N GLY A 8 7.32 26.72 -17.73
CA GLY A 8 7.04 28.13 -17.57
C GLY A 8 5.95 28.44 -16.55
N ASP A 9 5.08 27.47 -16.30
CA ASP A 9 4.10 27.56 -15.22
C ASP A 9 4.77 27.63 -13.85
N SER A 10 4.10 28.25 -12.88
CA SER A 10 4.52 28.14 -11.48
C SER A 10 4.03 26.82 -10.88
N PHE A 11 4.83 26.25 -9.98
CA PHE A 11 4.36 25.09 -9.22
C PHE A 11 3.21 25.57 -8.35
N PRO A 12 2.11 24.81 -8.31
CA PRO A 12 0.94 25.27 -7.53
C PRO A 12 1.28 25.51 -6.06
N SER A 13 0.56 26.45 -5.45
CA SER A 13 0.70 26.74 -4.04
C SER A 13 0.00 25.67 -3.19
N ASP A 14 0.37 25.62 -1.92
CA ASP A 14 -0.31 24.78 -0.93
C ASP A 14 -0.35 23.29 -1.28
N VAL A 15 0.66 22.80 -2.00
CA VAL A 15 0.72 21.38 -2.29
C VAL A 15 1.31 20.63 -1.10
N VAL A 16 0.55 19.71 -0.54
CA VAL A 16 1.01 18.96 0.64
C VAL A 16 0.91 17.47 0.39
N PHE A 17 2.05 16.79 0.51
CA PHE A 17 2.12 15.34 0.41
C PHE A 17 2.24 14.74 1.80
N SER A 18 2.19 13.42 1.90
CA SER A 18 2.35 12.72 3.17
C SER A 18 3.47 11.68 3.04
N TYR A 19 4.36 11.61 4.02
CA TYR A 19 5.43 10.62 3.96
C TYR A 19 5.97 10.26 5.32
N ILE A 20 6.76 9.20 5.35
CA ILE A 20 7.49 8.82 6.53
C ILE A 20 8.95 8.99 6.21
N PRO A 21 9.62 9.94 6.88
CA PRO A 21 11.05 10.14 6.66
C PRO A 21 11.81 8.89 7.06
N TRP A 22 12.71 8.42 6.19
CA TRP A 22 13.48 7.22 6.51
C TRP A 22 14.33 7.47 7.76
N SER A 23 14.43 6.45 8.61
CA SER A 23 15.33 6.51 9.76
C SER A 23 15.93 5.14 9.98
N GLU A 24 17.13 5.10 10.55
CA GLU A 24 17.85 3.86 10.74
C GLU A 24 17.10 2.87 11.66
N ASP A 25 16.46 3.39 12.70
CA ASP A 25 15.76 2.52 13.64
CA ASP A 25 15.75 2.52 13.64
C ASP A 25 14.54 1.85 12.98
N LYS A 26 14.02 2.48 11.94
CA LYS A 26 12.91 1.90 11.16
C LYS A 26 13.39 1.37 9.81
N GLY A 27 14.67 1.00 9.73
CA GLY A 27 15.24 0.53 8.48
C GLY A 27 14.59 -0.72 7.91
N GLU A 28 14.07 -1.56 8.80
CA GLU A 28 13.47 -2.83 8.37
C GLU A 28 12.10 -2.60 7.75
N ILE A 29 11.82 -3.35 6.70
CA ILE A 29 10.56 -3.16 6.00
C ILE A 29 9.38 -3.46 6.93
N THR A 30 9.60 -4.35 7.90
CA THR A 30 8.56 -4.73 8.85
C THR A 30 8.46 -3.78 10.04
N ALA A 31 9.29 -2.73 10.05
CA ALA A 31 9.28 -1.73 11.12
C ALA A 31 8.68 -0.43 10.59
N SER A 32 7.54 -0.01 11.12
CA SER A 32 6.84 1.13 10.52
CA SER A 32 6.82 1.12 10.52
C SER A 32 7.01 2.44 11.29
N GLY A 33 7.27 3.52 10.56
CA GLY A 33 7.27 4.84 11.19
C GLY A 33 5.86 5.45 11.19
N ILE A 34 5.81 6.77 11.35
CA ILE A 34 4.57 7.54 11.44
C ILE A 34 4.51 8.62 10.35
N PRO A 35 3.44 8.64 9.55
CA PRO A 35 3.38 9.65 8.48
C PRO A 35 3.28 11.09 8.99
N ILE A 36 3.94 11.99 8.28
CA ILE A 36 3.85 13.42 8.57
C ILE A 36 3.63 14.17 7.27
N ASN A 37 3.13 15.40 7.36
CA ASN A 37 2.91 16.20 6.15
C ASN A 37 4.24 16.63 5.54
N TYR A 38 4.25 16.76 4.22
CA TYR A 38 5.40 17.26 3.47
C TYR A 38 4.93 18.44 2.65
N ASN A 39 5.28 19.65 3.08
CA ASN A 39 4.83 20.87 2.44
C ASN A 39 5.67 21.18 1.20
N ALA A 40 5.32 20.52 0.08
CA ALA A 40 6.18 20.55 -1.10
C ALA A 40 6.32 21.98 -1.68
N SER A 41 5.22 22.71 -1.78
CA SER A 41 5.29 24.08 -2.28
C SER A 41 6.28 24.93 -1.47
N LYS A 42 6.22 24.83 -0.14
CA LYS A 42 7.16 25.58 0.70
C LYS A 42 8.58 25.06 0.55
N GLU A 43 8.74 23.75 0.66
CA GLU A 43 10.07 23.14 0.66
C GLU A 43 10.82 23.34 -0.66
N TRP A 44 10.08 23.34 -1.77
CA TRP A 44 10.70 23.36 -3.09
C TRP A 44 10.95 24.75 -3.69
N ALA A 45 10.54 25.79 -2.95
CA ALA A 45 10.64 27.16 -3.44
C ALA A 45 12.06 27.55 -3.78
N ASP A 46 13.04 27.00 -3.06
CA ASP A 46 14.43 27.39 -3.30
C ASP A 46 15.28 26.19 -3.72
N LYS A 47 14.65 25.21 -4.36
CA LYS A 47 15.35 23.98 -4.74
C LYS A 47 15.05 23.55 -6.18
N LYS A 48 15.96 22.76 -6.75
CA LYS A 48 15.69 22.09 -8.02
C LYS A 48 15.22 20.67 -7.72
N VAL A 49 14.06 20.33 -8.27
CA VAL A 49 13.36 19.10 -7.90
C VAL A 49 12.94 18.28 -9.11
N ILE A 50 13.09 16.96 -9.01
CA ILE A 50 12.43 16.05 -9.91
C ILE A 50 11.33 15.33 -9.16
N LEU A 51 10.10 15.41 -9.67
CA LEU A 51 8.98 14.67 -9.12
C LEU A 51 8.46 13.74 -10.19
N PHE A 52 8.48 12.43 -9.97
CA PHE A 52 7.83 11.52 -10.90
C PHE A 52 6.74 10.68 -10.23
N ALA A 53 5.59 10.66 -10.88
CA ALA A 53 4.43 9.93 -10.38
C ALA A 53 4.16 8.71 -11.23
N LEU A 54 3.47 7.75 -10.65
CA LEU A 54 3.26 6.46 -11.32
C LEU A 54 2.05 5.75 -10.69
N PRO A 55 1.51 4.72 -11.39
CA PRO A 55 0.23 4.14 -10.97
C PRO A 55 0.17 3.61 -9.53
N GLY A 56 1.28 3.13 -8.98
CA GLY A 56 1.26 2.68 -7.61
C GLY A 56 2.51 1.97 -7.17
N ALA A 57 2.75 1.95 -5.86
CA ALA A 57 3.81 1.16 -5.30
C ALA A 57 3.59 -0.31 -5.63
N PHE A 58 4.69 -1.02 -5.90
CA PHE A 58 4.69 -2.46 -6.11
C PHE A 58 3.91 -2.88 -7.35
N THR A 59 3.79 -1.98 -8.31
CA THR A 59 3.18 -2.26 -9.62
C THR A 59 4.30 -2.61 -10.61
N PRO A 60 4.01 -3.43 -11.64
CA PRO A 60 5.05 -4.04 -12.50
C PRO A 60 6.05 -3.09 -13.18
N VAL A 61 5.59 -2.21 -14.05
CA VAL A 61 6.52 -1.33 -14.78
C VAL A 61 7.23 -0.35 -13.84
N SER A 62 6.46 0.17 -12.87
CA SER A 62 7.00 1.05 -11.83
C SER A 62 8.13 0.41 -11.03
N SER A 63 7.96 -0.87 -10.71
CA SER A 63 8.88 -1.58 -9.84
C SER A 63 10.06 -2.18 -10.60
N ALA A 64 9.81 -2.65 -11.83
CA ALA A 64 10.87 -3.27 -12.61
C ALA A 64 11.77 -2.24 -13.30
N ARG A 65 11.20 -1.12 -13.72
CA ARG A 65 11.94 -0.17 -14.57
C ARG A 65 11.94 1.28 -14.05
N HIS A 66 10.76 1.82 -13.76
CA HIS A 66 10.64 3.25 -13.49
C HIS A 66 11.49 3.69 -12.29
N VAL A 67 11.27 3.08 -11.13
CA VAL A 67 12.05 3.47 -9.96
C VAL A 67 13.53 2.99 -10.02
N PRO A 68 13.81 1.73 -10.39
CA PRO A 68 15.23 1.34 -10.43
C PRO A 68 16.09 2.20 -11.38
N GLU A 69 15.51 2.68 -12.47
CA GLU A 69 16.27 3.50 -13.40
C GLU A 69 16.64 4.85 -12.78
N TYR A 70 15.75 5.41 -11.96
CA TYR A 70 16.09 6.64 -11.25
C TYR A 70 17.17 6.37 -10.21
N ILE A 71 17.06 5.24 -9.53
CA ILE A 71 18.05 4.86 -8.54
C ILE A 71 19.44 4.81 -9.16
N GLU A 72 19.55 4.15 -10.30
CA GLU A 72 20.83 4.01 -10.97
C GLU A 72 21.41 5.34 -11.44
N LYS A 73 20.55 6.29 -11.78
CA LYS A 73 21.01 7.59 -12.32
CA LYS A 73 21.00 7.59 -12.32
C LYS A 73 21.16 8.66 -11.23
N LEU A 74 20.96 8.28 -9.97
CA LEU A 74 21.07 9.27 -8.89
C LEU A 74 22.40 10.04 -8.87
N PRO A 75 23.54 9.37 -9.04
CA PRO A 75 24.77 10.17 -9.10
C PRO A 75 24.76 11.22 -10.23
N GLU A 76 24.30 10.87 -11.42
CA GLU A 76 24.27 11.85 -12.51
C GLU A 76 23.27 12.96 -12.25
N ILE A 77 22.13 12.59 -11.68
CA ILE A 77 21.09 13.54 -11.34
C ILE A 77 21.58 14.59 -10.34
N ARG A 78 22.24 14.13 -9.28
CA ARG A 78 22.78 15.03 -8.27
C ARG A 78 23.88 15.93 -8.83
N ALA A 79 24.62 15.39 -9.78
CA ALA A 79 25.72 16.12 -10.42
C ALA A 79 25.21 17.21 -11.34
N LYS A 80 23.91 17.17 -11.65
CA LYS A 80 23.28 18.20 -12.46
C LYS A 80 22.55 19.24 -11.59
N GLY A 81 22.80 19.21 -10.29
CA GLY A 81 22.28 20.25 -9.40
C GLY A 81 20.88 20.00 -8.85
N VAL A 82 20.37 18.80 -9.04
CA VAL A 82 19.05 18.47 -8.50
C VAL A 82 19.13 18.24 -7.00
N ASP A 83 18.26 18.91 -6.25
CA ASP A 83 18.27 18.90 -4.79
C ASP A 83 17.36 17.86 -4.20
N VAL A 84 16.26 17.61 -4.89
CA VAL A 84 15.27 16.65 -4.42
C VAL A 84 14.84 15.74 -5.55
N VAL A 85 14.88 14.44 -5.30
CA VAL A 85 14.26 13.47 -6.19
C VAL A 85 13.14 12.80 -5.43
N ALA A 86 11.92 12.84 -5.96
CA ALA A 86 10.78 12.26 -5.28
C ALA A 86 9.95 11.40 -6.21
N VAL A 87 9.53 10.23 -5.74
CA VAL A 87 8.51 9.45 -6.44
C VAL A 87 7.18 9.66 -5.72
N LEU A 88 6.10 9.69 -6.50
CA LEU A 88 4.76 9.97 -5.99
C LEU A 88 3.77 8.91 -6.46
N ALA A 89 2.87 8.50 -5.56
CA ALA A 89 1.79 7.59 -5.94
C ALA A 89 0.61 7.78 -4.99
N TYR A 90 -0.51 7.15 -5.31
CA TYR A 90 -1.73 7.35 -4.53
C TYR A 90 -1.74 6.53 -3.24
N ASN A 91 -0.75 5.67 -3.05
CA ASN A 91 -0.70 4.80 -1.85
C ASN A 91 -0.42 5.64 -0.61
N ASP A 92 -0.84 5.15 0.56
CA ASP A 92 -0.65 5.97 1.76
C ASP A 92 0.84 5.94 2.11
N ALA A 93 1.23 6.74 3.10
CA ALA A 93 2.65 6.93 3.39
C ALA A 93 3.31 5.67 3.95
N TYR A 94 2.52 4.83 4.62
CA TYR A 94 3.04 3.57 5.15
C TYR A 94 3.53 2.69 4.01
N VAL A 95 2.72 2.60 2.97
CA VAL A 95 3.05 1.78 1.81
C VAL A 95 4.22 2.38 1.01
N MET A 96 4.21 3.70 0.79
CA MET A 96 5.31 4.34 0.08
C MET A 96 6.63 4.14 0.82
N SER A 97 6.58 4.28 2.15
CA SER A 97 7.76 4.07 2.98
C SER A 97 8.33 2.66 2.82
N ALA A 98 7.45 1.66 2.89
CA ALA A 98 7.87 0.27 2.73
C ALA A 98 8.46 0.02 1.33
N TRP A 99 7.86 0.67 0.32
CA TRP A 99 8.34 0.49 -1.04
C TRP A 99 9.77 1.03 -1.18
N GLY A 100 10.04 2.14 -0.50
CA GLY A 100 11.37 2.72 -0.50
C GLY A 100 12.36 1.73 0.07
N LYS A 101 11.99 1.07 1.17
CA LYS A 101 12.87 0.08 1.79
C LYS A 101 13.03 -1.14 0.90
N ALA A 102 11.94 -1.52 0.23
CA ALA A 102 11.97 -2.65 -0.70
C ALA A 102 12.96 -2.40 -1.83
N ASN A 103 13.09 -1.13 -2.20
CA ASN A 103 14.04 -0.73 -3.24
C ASN A 103 15.41 -0.37 -2.66
N GLN A 104 15.59 -0.62 -1.36
CA GLN A 104 16.87 -0.41 -0.68
C GLN A 104 17.38 1.03 -0.77
N VAL A 105 16.44 1.97 -0.76
CA VAL A 105 16.77 3.40 -0.73
C VAL A 105 16.78 3.83 0.74
N THR A 106 17.77 4.64 1.12
CA THR A 106 17.82 5.13 2.50
C THR A 106 17.88 6.65 2.52
N GLY A 107 17.70 7.22 3.71
CA GLY A 107 17.71 8.66 3.89
C GLY A 107 16.72 9.33 2.96
N ASP A 108 17.13 10.46 2.37
CA ASP A 108 16.27 11.16 1.45
C ASP A 108 16.77 11.07 0.01
N ASP A 109 17.57 10.04 -0.28
CA ASP A 109 18.18 9.89 -1.60
C ASP A 109 17.11 9.94 -2.70
N ILE A 110 16.02 9.22 -2.48
CA ILE A 110 14.78 9.50 -3.19
C ILE A 110 13.65 9.53 -2.16
N LEU A 111 12.81 10.54 -2.22
CA LEU A 111 11.70 10.62 -1.28
C LEU A 111 10.55 9.78 -1.79
N PHE A 112 9.99 8.94 -0.93
CA PHE A 112 8.84 8.15 -1.32
C PHE A 112 7.57 8.77 -0.75
N LEU A 113 6.86 9.51 -1.61
CA LEU A 113 5.79 10.41 -1.20
C LEU A 113 4.40 9.88 -1.55
N SER A 114 3.45 10.12 -0.65
CA SER A 114 2.05 9.82 -0.89
C SER A 114 1.29 11.05 -1.37
N ASP A 115 0.53 10.89 -2.45
CA ASP A 115 -0.44 11.89 -2.87
C ASP A 115 -1.81 11.45 -2.34
N PRO A 116 -2.23 11.96 -1.18
CA PRO A 116 -3.45 11.45 -0.52
C PRO A 116 -4.68 11.56 -1.43
N ASP A 117 -5.36 10.44 -1.68
CA ASP A 117 -6.51 10.40 -2.57
CA ASP A 117 -6.52 10.42 -2.56
C ASP A 117 -6.17 11.01 -3.92
N ALA A 118 -4.89 10.96 -4.29
CA ALA A 118 -4.36 11.53 -5.53
C ALA A 118 -4.79 12.98 -5.71
N ARG A 119 -4.90 13.74 -4.62
CA ARG A 119 -5.55 15.04 -4.67
C ARG A 119 -4.74 16.07 -5.49
N PHE A 120 -3.41 16.01 -5.40
CA PHE A 120 -2.59 16.93 -6.21
C PHE A 120 -2.69 16.58 -7.68
N SER A 121 -2.59 15.28 -7.97
CA SER A 121 -2.67 14.79 -9.33
C SER A 121 -4.05 15.11 -9.95
N LYS A 122 -5.11 14.98 -9.16
CA LYS A 122 -6.45 15.38 -9.63
C LYS A 122 -6.52 16.87 -9.92
N SER A 123 -5.85 17.66 -9.08
CA SER A 123 -5.91 19.12 -9.21
C SER A 123 -5.28 19.60 -10.51
N ILE A 124 -4.41 18.79 -11.10
CA ILE A 124 -3.85 19.16 -12.39
C ILE A 124 -4.38 18.26 -13.49
N GLY A 125 -5.40 17.46 -13.17
CA GLY A 125 -6.08 16.67 -14.17
C GLY A 125 -5.27 15.48 -14.65
N TRP A 126 -4.30 15.05 -13.85
CA TRP A 126 -3.43 13.94 -14.21
C TRP A 126 -3.63 12.72 -13.31
N ALA A 127 -4.87 12.43 -12.96
CA ALA A 127 -5.19 11.21 -12.24
C ALA A 127 -6.12 10.35 -13.12
N ASP A 128 -6.15 9.05 -12.90
CA ASP A 128 -6.98 8.20 -13.74
C ASP A 128 -8.34 7.93 -13.07
N GLU A 129 -9.21 7.19 -13.76
CA GLU A 129 -10.58 6.99 -13.32
C GLU A 129 -10.69 6.16 -12.04
N GLU A 130 -9.64 5.44 -11.70
CA GLU A 130 -9.63 4.64 -10.47
C GLU A 130 -9.09 5.43 -9.28
N GLY A 131 -8.65 6.66 -9.53
CA GLY A 131 -8.12 7.49 -8.47
C GLY A 131 -6.63 7.32 -8.24
N ARG A 132 -5.98 6.56 -9.12
CA ARG A 132 -4.52 6.50 -9.11
C ARG A 132 -3.95 7.74 -9.80
N THR A 133 -2.74 8.13 -9.44
CA THR A 133 -2.03 9.13 -10.23
C THR A 133 -1.67 8.49 -11.57
N LYS A 134 -1.60 9.30 -12.64
CA LYS A 134 -1.10 8.77 -13.90
C LYS A 134 0.41 8.70 -13.84
N ARG A 135 1.06 8.23 -14.90
CA ARG A 135 2.52 8.20 -14.91
C ARG A 135 2.99 9.49 -15.53
N TYR A 136 3.73 10.28 -14.76
CA TYR A 136 4.17 11.58 -15.26
C TYR A 136 5.45 12.06 -14.57
N ALA A 137 6.06 13.12 -15.09
CA ALA A 137 7.22 13.70 -14.42
C ALA A 137 7.20 15.21 -14.55
N LEU A 138 7.69 15.85 -13.48
CA LEU A 138 7.90 17.28 -13.42
C LEU A 138 9.33 17.58 -13.01
N VAL A 139 9.97 18.53 -13.66
CA VAL A 139 11.15 19.15 -13.08
C VAL A 139 10.73 20.54 -12.62
N ILE A 140 10.98 20.84 -11.35
CA ILE A 140 10.62 22.15 -10.80
C ILE A 140 11.87 22.82 -10.28
N ASP A 141 12.16 24.01 -10.80
CA ASP A 141 13.37 24.73 -10.45
C ASP A 141 12.97 26.03 -9.75
N HIS A 142 13.18 26.08 -8.44
CA HIS A 142 12.85 27.24 -7.63
C HIS A 142 11.41 27.72 -7.85
N GLY A 143 10.48 26.77 -7.83
CA GLY A 143 9.08 27.09 -7.89
C GLY A 143 8.51 27.18 -9.29
N LYS A 144 9.37 27.09 -10.31
CA LYS A 144 8.92 27.16 -11.71
C LYS A 144 9.09 25.83 -12.43
N ILE A 145 8.06 25.41 -13.16
CA ILE A 145 8.15 24.19 -13.94
C ILE A 145 9.04 24.41 -15.17
N THR A 146 10.04 23.55 -15.35
CA THR A 146 10.91 23.65 -16.51
C THR A 146 10.75 22.43 -17.41
N TYR A 147 10.14 21.38 -16.87
CA TYR A 147 9.81 20.20 -17.67
C TYR A 147 8.53 19.58 -17.14
N ALA A 148 7.68 19.16 -18.07
CA ALA A 148 6.40 18.56 -17.71
C ALA A 148 6.05 17.50 -18.71
N ALA A 149 5.85 16.27 -18.24
CA ALA A 149 5.50 15.19 -19.16
C ALA A 149 4.46 14.25 -18.58
N LEU A 150 3.44 13.96 -19.38
CA LEU A 150 2.41 12.97 -19.05
C LEU A 150 2.53 11.82 -20.04
N GLU A 151 2.67 10.58 -19.54
CA GLU A 151 2.78 9.45 -20.45
C GLU A 151 1.48 9.22 -21.20
N PRO A 152 1.56 8.63 -22.40
CA PRO A 152 0.34 8.42 -23.21
C PRO A 152 -0.51 7.25 -22.74
N ALA A 153 0.01 6.43 -21.82
CA ALA A 153 -0.73 5.28 -21.31
C ALA A 153 -0.19 4.87 -19.95
N LYS A 154 -0.94 4.06 -19.22
CA LYS A 154 -0.57 3.71 -17.86
C LYS A 154 0.77 2.99 -17.80
N ASN A 155 0.95 2.02 -18.69
CA ASN A 155 2.15 1.19 -18.69
C ASN A 155 3.23 1.70 -19.65
N HIS A 156 3.06 2.91 -20.17
CA HIS A 156 4.02 3.49 -21.11
C HIS A 156 5.09 4.29 -20.37
N LEU A 157 6.34 3.85 -20.45
CA LEU A 157 7.42 4.57 -19.78
C LEU A 157 8.36 5.15 -20.83
N GLU A 158 8.39 6.48 -20.91
CA GLU A 158 9.21 7.16 -21.90
C GLU A 158 9.51 8.61 -21.49
N PHE A 159 8.49 9.47 -21.51
CA PHE A 159 8.72 10.88 -21.21
C PHE A 159 8.92 11.16 -19.72
N SER A 160 8.57 10.21 -18.85
CA SER A 160 8.82 10.39 -17.42
C SER A 160 10.00 9.55 -16.92
N SER A 161 10.73 8.92 -17.84
CA SER A 161 11.83 8.05 -17.43
C SER A 161 13.02 8.88 -16.95
N ALA A 162 13.87 8.26 -16.13
CA ALA A 162 15.08 8.90 -15.67
C ALA A 162 15.94 9.39 -16.84
N GLU A 163 16.09 8.58 -17.88
CA GLU A 163 16.92 8.92 -19.03
CA GLU A 163 17.00 9.01 -18.95
C GLU A 163 16.43 10.21 -19.70
N THR A 164 15.12 10.26 -19.90
CA THR A 164 14.51 11.38 -20.58
C THR A 164 14.56 12.65 -19.71
N VAL A 165 14.28 12.51 -18.42
CA VAL A 165 14.34 13.65 -17.53
C VAL A 165 15.78 14.17 -17.46
N LEU A 166 16.74 13.25 -17.35
CA LEU A 166 18.16 13.64 -17.39
C LEU A 166 18.50 14.46 -18.64
N LYS A 167 17.95 14.09 -19.80
CA LYS A 167 18.24 14.84 -21.02
C LYS A 167 17.57 16.21 -21.05
N HIS A 168 16.72 16.48 -20.08
CA HIS A 168 16.04 17.77 -20.02
C HIS A 168 16.47 18.55 -18.78
N LEU A 169 17.68 18.27 -18.32
CA LEU A 169 18.31 18.99 -17.22
C LEU A 169 19.45 19.85 -17.76
N HIS A 170 19.10 21.02 -18.29
CA HIS A 170 20.09 21.94 -18.89
C HIS A 170 20.64 22.91 -17.86
N GLY B 2 -23.75 0.39 7.98
CA GLY B 2 -23.57 -1.04 7.78
C GLY B 2 -24.53 -1.84 8.64
N SER B 3 -24.23 -3.13 8.85
CA SER B 3 -25.12 -4.05 9.56
C SER B 3 -24.52 -4.70 10.81
N GLY B 4 -23.18 -4.72 10.91
CA GLY B 4 -22.44 -5.39 11.99
C GLY B 4 -22.49 -6.90 11.82
N LEU B 5 -21.56 -7.69 12.38
CA LEU B 5 -21.80 -9.13 12.29
C LEU B 5 -21.66 -9.76 13.67
N LYS B 6 -22.46 -10.76 13.95
CA LYS B 6 -22.37 -11.46 15.22
C LYS B 6 -22.40 -12.97 15.01
N ALA B 7 -21.90 -13.71 16.00
CA ALA B 7 -21.93 -15.16 15.95
C ALA B 7 -23.35 -15.66 15.68
N GLY B 8 -23.46 -16.63 14.77
CA GLY B 8 -24.76 -17.16 14.40
C GLY B 8 -25.27 -16.57 13.10
N ASP B 9 -24.71 -15.43 12.70
CA ASP B 9 -25.07 -14.82 11.41
C ASP B 9 -24.51 -15.66 10.28
N SER B 10 -25.16 -15.61 9.13
CA SER B 10 -24.55 -16.15 7.91
C SER B 10 -23.52 -15.17 7.37
N PHE B 11 -22.42 -15.69 6.84
CA PHE B 11 -21.49 -14.86 6.07
C PHE B 11 -22.25 -14.30 4.86
N PRO B 12 -22.10 -12.99 4.59
CA PRO B 12 -22.88 -12.40 3.50
C PRO B 12 -22.57 -13.04 2.16
N SER B 13 -23.51 -12.96 1.22
CA SER B 13 -23.29 -13.46 -0.14
C SER B 13 -22.54 -12.43 -0.99
N ASP B 14 -21.96 -12.91 -2.10
CA ASP B 14 -21.36 -12.03 -3.10
C ASP B 14 -20.20 -11.20 -2.57
N VAL B 15 -19.52 -11.70 -1.55
CA VAL B 15 -18.34 -11.01 -1.03
C VAL B 15 -17.14 -11.33 -1.93
N VAL B 16 -16.59 -10.30 -2.57
CA VAL B 16 -15.49 -10.48 -3.50
C VAL B 16 -14.28 -9.64 -3.10
N PHE B 17 -13.15 -10.29 -2.90
CA PHE B 17 -11.92 -9.57 -2.59
C PHE B 17 -11.01 -9.58 -3.82
N SER B 18 -9.89 -8.87 -3.71
CA SER B 18 -8.92 -8.85 -4.79
C SER B 18 -7.56 -9.29 -4.21
N TYR B 19 -6.84 -10.16 -4.92
CA TYR B 19 -5.50 -10.53 -4.48
C TYR B 19 -4.64 -11.09 -5.59
N ILE B 20 -3.36 -11.23 -5.28
CA ILE B 20 -2.41 -11.88 -6.17
C ILE B 20 -1.97 -13.16 -5.50
N PRO B 21 -2.32 -14.31 -6.08
CA PRO B 21 -1.89 -15.57 -5.48
C PRO B 21 -0.37 -15.65 -5.49
N TRP B 22 0.22 -16.07 -4.37
CA TRP B 22 1.66 -16.22 -4.32
C TRP B 22 2.15 -17.21 -5.37
N SER B 23 3.31 -16.92 -5.96
CA SER B 23 3.95 -17.87 -6.86
C SER B 23 5.46 -17.76 -6.73
N GLU B 24 6.14 -18.88 -6.96
CA GLU B 24 7.59 -18.93 -6.91
C GLU B 24 8.23 -17.91 -7.82
N ASP B 25 7.68 -17.77 -9.03
CA ASP B 25 8.27 -16.90 -10.05
C ASP B 25 8.22 -15.45 -9.63
N LYS B 26 7.23 -15.10 -8.82
CA LYS B 26 7.10 -13.73 -8.33
C LYS B 26 7.42 -13.62 -6.85
N GLY B 27 8.33 -14.46 -6.36
CA GLY B 27 8.66 -14.51 -4.95
C GLY B 27 9.33 -13.25 -4.41
N GLU B 28 10.06 -12.55 -5.28
CA GLU B 28 10.76 -11.33 -4.88
C GLU B 28 9.75 -10.23 -4.65
N ILE B 29 9.96 -9.43 -3.61
CA ILE B 29 8.98 -8.40 -3.29
C ILE B 29 8.93 -7.36 -4.42
N THR B 30 10.03 -7.21 -5.17
CA THR B 30 10.06 -6.24 -6.26
C THR B 30 9.50 -6.81 -7.57
N ALA B 31 9.00 -8.04 -7.53
CA ALA B 31 8.33 -8.66 -8.66
C ALA B 31 6.81 -8.67 -8.45
N SER B 32 6.05 -8.25 -9.45
CA SER B 32 4.61 -8.13 -9.28
C SER B 32 3.85 -9.21 -10.04
N GLY B 33 2.87 -9.83 -9.39
CA GLY B 33 2.01 -10.78 -10.07
C GLY B 33 0.73 -10.13 -10.59
N ILE B 34 -0.23 -10.98 -10.97
CA ILE B 34 -1.50 -10.54 -11.55
C ILE B 34 -2.67 -10.59 -10.56
N PRO B 35 -3.29 -9.44 -10.29
CA PRO B 35 -4.43 -9.46 -9.36
C PRO B 35 -5.66 -10.11 -9.98
N ILE B 36 -6.36 -10.93 -9.21
CA ILE B 36 -7.62 -11.52 -9.65
C ILE B 36 -8.67 -11.39 -8.55
N ASN B 37 -9.94 -11.61 -8.91
CA ASN B 37 -10.99 -11.62 -7.91
C ASN B 37 -10.97 -12.91 -7.09
N TYR B 38 -11.31 -12.77 -5.82
CA TYR B 38 -11.39 -13.91 -4.91
C TYR B 38 -12.79 -13.90 -4.31
N ASN B 39 -13.64 -14.84 -4.72
CA ASN B 39 -15.02 -14.84 -4.21
CA ASN B 39 -15.00 -14.88 -4.24
C ASN B 39 -15.10 -15.62 -2.91
N ALA B 40 -14.92 -14.88 -1.81
CA ALA B 40 -14.86 -15.44 -0.47
C ALA B 40 -16.13 -16.20 -0.10
N SER B 41 -17.29 -15.68 -0.49
CA SER B 41 -18.56 -16.33 -0.17
C SER B 41 -18.61 -17.72 -0.79
N LYS B 42 -18.17 -17.82 -2.04
CA LYS B 42 -18.13 -19.09 -2.72
C LYS B 42 -17.02 -20.00 -2.20
N GLU B 43 -15.80 -19.47 -2.11
CA GLU B 43 -14.64 -20.27 -1.68
C GLU B 43 -14.79 -20.84 -0.27
N TRP B 44 -15.46 -20.08 0.60
CA TRP B 44 -15.51 -20.43 2.03
C TRP B 44 -16.75 -21.21 2.45
N ALA B 45 -17.65 -21.45 1.50
CA ALA B 45 -18.88 -22.18 1.81
C ALA B 45 -18.61 -23.52 2.50
N ASP B 46 -17.51 -24.18 2.13
CA ASP B 46 -17.24 -25.52 2.63
C ASP B 46 -15.94 -25.56 3.40
N LYS B 47 -15.60 -24.44 4.02
CA LYS B 47 -14.32 -24.32 4.74
C LYS B 47 -14.50 -23.60 6.07
N LYS B 48 -13.53 -23.83 6.96
CA LYS B 48 -13.44 -23.10 8.22
C LYS B 48 -12.34 -22.06 8.08
N VAL B 49 -12.68 -20.81 8.37
CA VAL B 49 -11.85 -19.67 7.96
C VAL B 49 -11.67 -18.65 9.08
N ILE B 50 -10.45 -18.14 9.22
CA ILE B 50 -10.20 -16.95 10.03
C ILE B 50 -9.92 -15.79 9.11
N LEU B 51 -10.74 -14.74 9.23
CA LEU B 51 -10.50 -13.51 8.49
C LEU B 51 -10.18 -12.41 9.47
N PHE B 52 -8.97 -11.83 9.41
CA PHE B 52 -8.74 -10.67 10.28
C PHE B 52 -8.40 -9.45 9.43
N ALA B 53 -9.05 -8.34 9.76
CA ALA B 53 -8.86 -7.08 9.05
C ALA B 53 -8.10 -6.10 9.92
N LEU B 54 -7.40 -5.16 9.30
CA LEU B 54 -6.58 -4.20 10.06
C LEU B 54 -6.40 -2.91 9.25
N PRO B 55 -5.95 -1.81 9.90
CA PRO B 55 -5.96 -0.49 9.24
C PRO B 55 -5.20 -0.39 7.93
N GLY B 56 -4.16 -1.20 7.76
CA GLY B 56 -3.47 -1.24 6.49
C GLY B 56 -2.18 -2.03 6.47
N ALA B 57 -1.80 -2.47 5.27
CA ALA B 57 -0.48 -3.05 5.07
C ALA B 57 0.62 -2.10 5.54
N PHE B 58 1.66 -2.66 6.15
CA PHE B 58 2.83 -1.90 6.59
C PHE B 58 2.54 -0.80 7.64
N THR B 59 1.43 -0.91 8.38
CA THR B 59 1.14 -0.02 9.52
C THR B 59 1.76 -0.61 10.80
N PRO B 60 2.01 0.21 11.86
CA PRO B 60 2.88 -0.22 12.97
C PRO B 60 2.42 -1.44 13.80
N VAL B 61 1.27 -1.36 14.46
CA VAL B 61 0.78 -2.48 15.26
C VAL B 61 0.53 -3.69 14.35
N SER B 62 -0.04 -3.44 13.18
CA SER B 62 -0.35 -4.51 12.24
C SER B 62 0.91 -5.30 11.84
N SER B 63 2.00 -4.57 11.61
CA SER B 63 3.26 -5.15 11.13
C SER B 63 4.11 -5.74 12.26
N ALA B 64 4.06 -5.11 13.43
CA ALA B 64 4.90 -5.54 14.54
C ALA B 64 4.28 -6.71 15.31
N ARG B 65 2.95 -6.72 15.47
CA ARG B 65 2.28 -7.72 16.30
CA ARG B 65 2.31 -7.73 16.29
C ARG B 65 1.23 -8.55 15.57
N HIS B 66 0.27 -7.88 14.95
CA HIS B 66 -0.93 -8.56 14.43
C HIS B 66 -0.63 -9.70 13.45
N VAL B 67 0.04 -9.40 12.35
CA VAL B 67 0.34 -10.44 11.37
C VAL B 67 1.42 -11.44 11.85
N PRO B 68 2.54 -10.97 12.44
CA PRO B 68 3.51 -11.93 12.98
C PRO B 68 2.94 -12.96 13.98
N GLU B 69 2.00 -12.54 14.81
CA GLU B 69 1.40 -13.47 15.77
C GLU B 69 0.57 -14.56 15.07
N TYR B 70 -0.15 -14.22 14.01
CA TYR B 70 -0.88 -15.22 13.25
C TYR B 70 0.09 -16.19 12.56
N ILE B 71 1.22 -15.69 12.08
CA ILE B 71 2.21 -16.55 11.44
C ILE B 71 2.74 -17.55 12.48
N GLU B 72 3.07 -17.05 13.66
CA GLU B 72 3.61 -17.89 14.72
C GLU B 72 2.62 -18.96 15.17
N LYS B 73 1.33 -18.64 15.14
CA LYS B 73 0.29 -19.54 15.64
C LYS B 73 -0.36 -20.39 14.54
N LEU B 74 0.05 -20.21 13.29
CA LEU B 74 -0.54 -20.96 12.18
C LEU B 74 -0.59 -22.49 12.39
N PRO B 75 0.49 -23.12 12.90
CA PRO B 75 0.38 -24.56 13.14
C PRO B 75 -0.73 -24.94 14.13
N GLU B 76 -0.91 -24.17 15.20
CA GLU B 76 -1.97 -24.46 16.17
C GLU B 76 -3.35 -24.15 15.59
N ILE B 77 -3.42 -23.11 14.78
CA ILE B 77 -4.65 -22.75 14.11
C ILE B 77 -5.08 -23.87 13.16
N ARG B 78 -4.13 -24.38 12.40
CA ARG B 78 -4.42 -25.51 11.50
C ARG B 78 -4.76 -26.75 12.32
N ALA B 79 -4.11 -26.91 13.47
CA ALA B 79 -4.41 -28.05 14.35
C ALA B 79 -5.86 -28.02 14.83
N LYS B 80 -6.48 -26.83 14.85
CA LYS B 80 -7.87 -26.73 15.27
C LYS B 80 -8.84 -26.76 14.08
N GLY B 81 -8.36 -27.23 12.93
CA GLY B 81 -9.23 -27.46 11.79
C GLY B 81 -9.49 -26.27 10.88
N VAL B 82 -8.78 -25.16 11.08
CA VAL B 82 -8.97 -23.99 10.20
C VAL B 82 -8.34 -24.22 8.82
N ASP B 83 -9.14 -24.10 7.76
CA ASP B 83 -8.66 -24.31 6.39
C ASP B 83 -7.98 -23.09 5.79
N VAL B 84 -8.53 -21.91 6.06
CA VAL B 84 -8.01 -20.69 5.47
C VAL B 84 -7.77 -19.64 6.54
N VAL B 85 -6.61 -19.01 6.50
CA VAL B 85 -6.34 -17.82 7.30
C VAL B 85 -6.07 -16.69 6.32
N ALA B 86 -6.77 -15.58 6.49
CA ALA B 86 -6.67 -14.46 5.56
C ALA B 86 -6.60 -13.16 6.32
N VAL B 87 -5.65 -12.31 5.93
CA VAL B 87 -5.62 -10.95 6.43
C VAL B 87 -6.21 -10.02 5.37
N LEU B 88 -6.94 -9.01 5.83
CA LEU B 88 -7.65 -8.10 4.94
C LEU B 88 -7.31 -6.65 5.26
N ALA B 89 -7.19 -5.83 4.22
CA ALA B 89 -7.02 -4.39 4.41
C ALA B 89 -7.50 -3.65 3.17
N TYR B 90 -7.56 -2.33 3.25
CA TYR B 90 -8.09 -1.53 2.14
C TYR B 90 -7.07 -1.36 1.02
N ASN B 91 -5.81 -1.73 1.24
CA ASN B 91 -4.77 -1.54 0.21
C ASN B 91 -5.06 -2.41 -1.02
N ASP B 92 -4.51 -2.05 -2.17
CA ASP B 92 -4.79 -2.83 -3.40
C ASP B 92 -4.01 -4.16 -3.38
N ALA B 93 -4.30 -5.04 -4.33
CA ALA B 93 -3.73 -6.39 -4.32
C ALA B 93 -2.21 -6.40 -4.50
N TYR B 94 -1.68 -5.44 -5.26
CA TYR B 94 -0.22 -5.33 -5.42
C TYR B 94 0.46 -5.12 -4.07
N VAL B 95 -0.09 -4.21 -3.28
CA VAL B 95 0.46 -3.91 -1.96
C VAL B 95 0.27 -5.07 -0.98
N MET B 96 -0.91 -5.68 -0.97
CA MET B 96 -1.14 -6.81 -0.07
C MET B 96 -0.19 -7.96 -0.40
N SER B 97 0.04 -8.19 -1.70
CA SER B 97 0.96 -9.23 -2.17
C SER B 97 2.37 -8.98 -1.65
N ALA B 98 2.83 -7.74 -1.83
CA ALA B 98 4.16 -7.33 -1.38
C ALA B 98 4.30 -7.52 0.13
N TRP B 99 3.24 -7.23 0.86
CA TRP B 99 3.24 -7.34 2.32
C TRP B 99 3.40 -8.78 2.75
N GLY B 100 2.75 -9.69 2.03
CA GLY B 100 2.89 -11.11 2.30
C GLY B 100 4.34 -11.53 2.17
N LYS B 101 4.98 -11.05 1.11
CA LYS B 101 6.40 -11.34 0.87
C LYS B 101 7.30 -10.70 1.92
N ALA B 102 6.97 -9.47 2.32
CA ALA B 102 7.69 -8.79 3.40
C ALA B 102 7.67 -9.63 4.68
N ASN B 103 6.56 -10.30 4.92
CA ASN B 103 6.40 -11.13 6.11
C ASN B 103 6.88 -12.55 5.90
N GLN B 104 7.52 -12.77 4.75
CA GLN B 104 8.09 -14.07 4.38
C GLN B 104 7.06 -15.18 4.40
N VAL B 105 5.84 -14.86 4.01
CA VAL B 105 4.80 -15.88 3.83
C VAL B 105 4.85 -16.39 2.40
N THR B 106 4.83 -17.72 2.25
CA THR B 106 4.83 -18.31 0.92
C THR B 106 3.58 -19.17 0.74
N GLY B 107 3.33 -19.57 -0.49
CA GLY B 107 2.14 -20.34 -0.81
C GLY B 107 0.90 -19.61 -0.35
N ASP B 108 -0.11 -20.36 0.05
CA ASP B 108 -1.33 -19.72 0.52
C ASP B 108 -1.47 -19.85 2.03
N ASP B 109 -0.34 -19.93 2.73
CA ASP B 109 -0.37 -20.19 4.18
C ASP B 109 -1.22 -19.17 4.89
N ILE B 110 -1.02 -17.90 4.56
CA ILE B 110 -1.97 -16.85 4.91
C ILE B 110 -2.29 -16.09 3.64
N LEU B 111 -3.58 -15.88 3.35
CA LEU B 111 -3.97 -15.11 2.17
C LEU B 111 -3.91 -13.61 2.46
N PHE B 112 -3.23 -12.85 1.60
CA PHE B 112 -3.16 -11.41 1.79
C PHE B 112 -4.11 -10.76 0.81
N LEU B 113 -5.27 -10.38 1.33
CA LEU B 113 -6.42 -9.97 0.51
C LEU B 113 -6.72 -8.49 0.61
N SER B 114 -7.15 -7.92 -0.51
CA SER B 114 -7.59 -6.54 -0.58
C SER B 114 -9.11 -6.46 -0.46
N ASP B 115 -9.59 -5.51 0.34
CA ASP B 115 -11.00 -5.14 0.37
C ASP B 115 -11.12 -3.85 -0.44
N PRO B 116 -11.47 -3.96 -1.74
CA PRO B 116 -11.41 -2.79 -2.61
C PRO B 116 -12.30 -1.66 -2.10
N ASP B 117 -11.71 -0.49 -1.85
CA ASP B 117 -12.41 0.65 -1.27
CA ASP B 117 -12.42 0.66 -1.28
C ASP B 117 -13.11 0.29 0.04
N ALA B 118 -12.57 -0.70 0.74
CA ALA B 118 -13.14 -1.20 2.00
C ALA B 118 -14.63 -1.54 1.87
N ARG B 119 -15.07 -1.97 0.70
CA ARG B 119 -16.50 -2.12 0.44
C ARG B 119 -17.18 -3.20 1.30
N PHE B 120 -16.50 -4.32 1.55
CA PHE B 120 -17.07 -5.35 2.41
C PHE B 120 -17.16 -4.84 3.85
N SER B 121 -16.06 -4.26 4.34
CA SER B 121 -16.01 -3.73 5.70
C SER B 121 -17.06 -2.63 5.88
N LYS B 122 -17.21 -1.76 4.89
CA LYS B 122 -18.26 -0.75 4.92
C LYS B 122 -19.64 -1.40 5.02
N SER B 123 -19.85 -2.47 4.26
CA SER B 123 -21.18 -3.09 4.20
C SER B 123 -21.60 -3.63 5.56
N ILE B 124 -20.63 -3.98 6.41
CA ILE B 124 -20.97 -4.44 7.77
C ILE B 124 -20.69 -3.39 8.84
N GLY B 125 -20.41 -2.16 8.41
CA GLY B 125 -20.30 -1.05 9.35
C GLY B 125 -18.97 -0.94 10.07
N TRP B 126 -17.98 -1.70 9.59
CA TRP B 126 -16.69 -1.80 10.24
C TRP B 126 -15.54 -1.19 9.45
N ALA B 127 -15.77 0.00 8.89
CA ALA B 127 -14.72 0.77 8.21
C ALA B 127 -14.63 2.12 8.88
N ASP B 128 -13.50 2.83 8.73
CA ASP B 128 -13.38 4.11 9.42
C ASP B 128 -13.60 5.29 8.49
N GLU B 129 -13.48 6.49 9.03
CA GLU B 129 -13.79 7.71 8.28
C GLU B 129 -12.86 7.95 7.08
N GLU B 130 -11.67 7.36 7.10
CA GLU B 130 -10.70 7.54 6.02
CA GLU B 130 -10.70 7.54 6.02
C GLU B 130 -10.82 6.47 4.93
N GLY B 131 -11.81 5.59 5.06
CA GLY B 131 -12.01 4.52 4.10
C GLY B 131 -11.15 3.29 4.34
N ARG B 132 -10.49 3.23 5.50
CA ARG B 132 -9.74 2.03 5.89
C ARG B 132 -10.67 1.01 6.54
N THR B 133 -10.32 -0.28 6.46
CA THR B 133 -11.04 -1.24 7.30
C THR B 133 -10.63 -0.99 8.74
N LYS B 134 -11.52 -1.29 9.70
CA LYS B 134 -11.14 -1.24 11.11
C LYS B 134 -10.40 -2.53 11.47
N ARG B 135 -9.97 -2.66 12.72
CA ARG B 135 -9.29 -3.89 13.12
C ARG B 135 -10.33 -4.85 13.69
N TYR B 136 -10.53 -5.99 13.04
CA TYR B 136 -11.51 -6.94 13.51
C TYR B 136 -11.16 -8.37 13.12
N ALA B 137 -11.85 -9.33 13.73
CA ALA B 137 -11.67 -10.74 13.34
C ALA B 137 -13.01 -11.44 13.22
N LEU B 138 -13.07 -12.34 12.24
CA LEU B 138 -14.20 -13.21 12.03
C LEU B 138 -13.72 -14.65 11.97
N VAL B 139 -14.44 -15.56 12.62
CA VAL B 139 -14.27 -16.98 12.34
C VAL B 139 -15.53 -17.43 11.63
N ILE B 140 -15.36 -17.97 10.44
CA ILE B 140 -16.48 -18.37 9.60
C ILE B 140 -16.39 -19.86 9.33
N ASP B 141 -17.33 -20.63 9.85
CA ASP B 141 -17.27 -22.09 9.72
C ASP B 141 -18.36 -22.54 8.75
N HIS B 142 -17.95 -22.99 7.57
CA HIS B 142 -18.85 -23.36 6.49
C HIS B 142 -19.98 -22.35 6.29
N GLY B 143 -19.61 -21.07 6.19
CA GLY B 143 -20.57 -20.02 5.87
C GLY B 143 -21.31 -19.42 7.05
N LYS B 144 -21.09 -19.98 8.24
CA LYS B 144 -21.70 -19.46 9.46
C LYS B 144 -20.67 -18.74 10.33
N ILE B 145 -20.98 -17.50 10.72
CA ILE B 145 -20.13 -16.77 11.65
C ILE B 145 -20.17 -17.41 13.04
N THR B 146 -19.04 -17.79 13.57
CA THR B 146 -18.99 -18.41 14.90
C THR B 146 -18.24 -17.54 15.90
N TYR B 147 -17.50 -16.57 15.38
CA TYR B 147 -16.83 -15.57 16.19
C TYR B 147 -16.75 -14.28 15.40
N ALA B 148 -17.01 -13.17 16.06
CA ALA B 148 -16.96 -11.87 15.43
C ALA B 148 -16.62 -10.83 16.48
N ALA B 149 -15.53 -10.10 16.26
CA ALA B 149 -15.14 -9.08 17.21
C ALA B 149 -14.49 -7.90 16.51
N LEU B 150 -15.01 -6.72 16.80
CA LEU B 150 -14.40 -5.46 16.40
C LEU B 150 -13.60 -4.90 17.57
N GLU B 151 -12.36 -4.47 17.33
CA GLU B 151 -11.56 -3.87 18.39
C GLU B 151 -12.20 -2.53 18.81
N PRO B 152 -12.05 -2.17 20.10
CA PRO B 152 -12.65 -0.92 20.61
C PRO B 152 -11.89 0.35 20.19
N ALA B 153 -10.73 0.20 19.56
CA ALA B 153 -9.94 1.35 19.13
C ALA B 153 -8.99 0.96 18.02
N LYS B 154 -8.51 1.95 17.27
CA LYS B 154 -7.75 1.69 16.05
C LYS B 154 -6.40 1.03 16.33
N ASN B 155 -5.80 1.45 17.43
CA ASN B 155 -4.49 0.94 17.82
CA ASN B 155 -4.48 0.97 17.84
C ASN B 155 -4.54 -0.10 18.93
N HIS B 156 -5.72 -0.68 19.13
CA HIS B 156 -5.91 -1.70 20.17
C HIS B 156 -5.92 -3.09 19.55
N LEU B 157 -5.00 -3.95 19.97
CA LEU B 157 -4.95 -5.32 19.48
C LEU B 157 -5.23 -6.29 20.62
N GLU B 158 -6.39 -6.92 20.58
CA GLU B 158 -6.80 -7.85 21.63
C GLU B 158 -7.85 -8.82 21.13
N PHE B 159 -8.99 -8.29 20.72
CA PHE B 159 -10.12 -9.14 20.34
C PHE B 159 -9.95 -9.76 18.95
N SER B 160 -9.00 -9.26 18.18
CA SER B 160 -8.74 -9.79 16.84
C SER B 160 -7.40 -10.50 16.78
N SER B 161 -6.74 -10.68 17.92
CA SER B 161 -5.41 -11.27 17.92
C SER B 161 -5.48 -12.78 17.67
N ALA B 162 -4.38 -13.34 17.18
CA ALA B 162 -4.30 -14.79 16.97
C ALA B 162 -4.58 -15.56 18.26
N GLU B 163 -3.95 -15.13 19.34
CA GLU B 163 -4.07 -15.83 20.62
C GLU B 163 -5.53 -15.82 21.12
N THR B 164 -6.21 -14.69 20.95
CA THR B 164 -7.61 -14.58 21.38
C THR B 164 -8.52 -15.44 20.49
N VAL B 165 -8.31 -15.38 19.18
CA VAL B 165 -9.12 -16.17 18.27
C VAL B 165 -8.91 -17.66 18.55
N LEU B 166 -7.65 -18.01 18.82
CA LEU B 166 -7.32 -19.38 19.22
C LEU B 166 -8.10 -19.86 20.45
N LYS B 167 -8.25 -19.01 21.46
CA LYS B 167 -9.00 -19.35 22.67
C LYS B 167 -10.41 -19.77 22.33
N HIS B 168 -10.96 -19.13 21.30
CA HIS B 168 -12.33 -19.38 20.90
C HIS B 168 -12.46 -20.62 20.03
N LEU B 169 -11.40 -20.95 19.29
CA LEU B 169 -11.35 -22.23 18.58
C LEU B 169 -11.17 -23.37 19.59
N HIS B 170 -10.39 -23.11 20.64
CA HIS B 170 -10.21 -24.07 21.73
C HIS B 170 -11.40 -24.08 22.68
N HIS B 171 -12.57 -24.39 22.14
CA HIS B 171 -13.80 -24.48 22.93
C HIS B 171 -14.87 -25.25 22.15
#